data_7XPM
#
_entry.id   7XPM
#
_cell.length_a   113.725
_cell.length_b   51.792
_cell.length_c   74.220
_cell.angle_alpha   90.000
_cell.angle_beta   128.350
_cell.angle_gamma   90.000
#
_symmetry.space_group_name_H-M   'C 1 2 1'
#
loop_
_entity.id
_entity.type
_entity.pdbx_description
1 polymer A64
2 non-polymer 1,2-ETHANEDIOL
3 water water
#
_entity_poly.entity_id   1
_entity_poly.type   'polypeptide(L)'
_entity_poly.pdbx_seq_one_letter_code
;MSVLVSGATGFIAQHIVNVLLEQNYKVIGTVRSQEKADKLIKQFNNNPNLSFEIVPDIANLDAFDEVFKKHGKEIKYVIH
TASPVHFGTTDYEKDLLIPAVNGTKGILESIKKYAPDTVERVVITSSFAAIMDLNKQSDSSVIFTEKSWNPVTWENAQNA
ITAYCGSKTFAEKAAWDFLKENKDSVKFKLTTINPVFVFGPQLFDEDVKDKLNTSCEIINELLHAPPDTKVDKSSTCAGN
FIDVRDVAKAHVLAFQKDELIGKRLLLSNGPFSKQDIVNILNKDFPQLKGKIPPADPDTDAQKNNTTGCKIDNEKTKKLL
GFEFKSFEETVYDTVHQILKKEGKL
;
_entity_poly.pdbx_strand_id   A
#
loop_
_chem_comp.id
_chem_comp.type
_chem_comp.name
_chem_comp.formula
EDO non-polymer 1,2-ETHANEDIOL 'C2 H6 O2'
#
# COMPACT_ATOMS: atom_id res chain seq x y z
N MET A 1 -23.22 -0.23 -0.93
CA MET A 1 -23.08 -1.51 -1.60
C MET A 1 -21.72 -2.15 -1.29
N SER A 2 -21.25 -3.01 -2.19
CA SER A 2 -20.08 -3.84 -1.93
C SER A 2 -18.80 -3.15 -2.37
N VAL A 3 -17.72 -3.42 -1.64
CA VAL A 3 -16.39 -2.91 -1.93
C VAL A 3 -15.51 -4.07 -2.35
N LEU A 4 -14.84 -3.94 -3.49
CA LEU A 4 -13.88 -4.93 -3.94
C LEU A 4 -12.48 -4.54 -3.47
N VAL A 5 -11.82 -5.45 -2.75
CA VAL A 5 -10.47 -5.23 -2.25
C VAL A 5 -9.55 -6.27 -2.88
N SER A 6 -8.70 -5.81 -3.78
CA SER A 6 -7.72 -6.67 -4.45
C SER A 6 -6.62 -7.08 -3.49
N GLY A 7 -6.15 -8.32 -3.63
CA GLY A 7 -5.03 -8.83 -2.87
C GLY A 7 -5.20 -8.69 -1.37
N ALA A 8 -6.29 -9.24 -0.84
CA ALA A 8 -6.67 -8.99 0.54
C ALA A 8 -5.72 -9.63 1.57
N THR A 9 -4.78 -10.47 1.14
CA THR A 9 -3.78 -10.98 2.07
C THR A 9 -2.70 -9.96 2.39
N GLY A 10 -2.70 -8.81 1.70
CA GLY A 10 -1.59 -7.88 1.82
C GLY A 10 -1.52 -7.23 3.19
N PHE A 11 -0.29 -6.83 3.55
CA PHE A 11 -0.04 -6.08 4.78
C PHE A 11 -1.00 -4.90 4.91
N ILE A 12 -1.15 -4.13 3.84
CA ILE A 12 -2.08 -3.00 3.85
C ILE A 12 -3.53 -3.45 3.68
N ALA A 13 -3.75 -4.44 2.80
CA ALA A 13 -5.11 -4.79 2.42
C ALA A 13 -5.90 -5.42 3.56
N GLN A 14 -5.24 -6.17 4.45
CA GLN A 14 -5.94 -6.72 5.60
C GLN A 14 -6.46 -5.62 6.50
N HIS A 15 -5.66 -4.57 6.71
CA HIS A 15 -6.12 -3.43 7.49
C HIS A 15 -7.24 -2.69 6.77
N ILE A 16 -7.16 -2.59 5.44
CA ILE A 16 -8.24 -1.99 4.68
C ILE A 16 -9.54 -2.75 4.92
N VAL A 17 -9.47 -4.08 4.89
CA VAL A 17 -10.65 -4.91 5.11
C VAL A 17 -11.18 -4.72 6.52
N ASN A 18 -10.28 -4.66 7.51
CA ASN A 18 -10.70 -4.41 8.88
C ASN A 18 -11.42 -3.08 9.02
N VAL A 19 -10.93 -2.05 8.32
CA VAL A 19 -11.55 -0.74 8.40
C VAL A 19 -12.92 -0.74 7.72
N LEU A 20 -13.04 -1.44 6.59
CA LEU A 20 -14.34 -1.48 5.93
C LEU A 20 -15.36 -2.26 6.75
N LEU A 21 -14.93 -3.35 7.39
CA LEU A 21 -15.86 -4.08 8.26
C LEU A 21 -16.17 -3.27 9.52
N GLU A 22 -15.24 -2.42 9.96
CA GLU A 22 -15.51 -1.48 11.04
C GLU A 22 -16.76 -0.65 10.74
N GLN A 23 -16.88 -0.16 9.50
CA GLN A 23 -17.94 0.72 9.09
C GLN A 23 -19.11 -0.03 8.46
N ASN A 24 -19.19 -1.35 8.68
CA ASN A 24 -20.31 -2.18 8.25
C ASN A 24 -20.48 -2.17 6.74
N TYR A 25 -19.40 -1.96 6.00
CA TYR A 25 -19.44 -2.19 4.56
C TYR A 25 -19.50 -3.69 4.29
N LYS A 26 -20.05 -4.03 3.12
CA LYS A 26 -19.95 -5.38 2.60
C LYS A 26 -18.70 -5.46 1.74
N VAL A 27 -17.86 -6.46 1.99
CA VAL A 27 -16.52 -6.53 1.42
C VAL A 27 -16.34 -7.83 0.65
N ILE A 28 -15.87 -7.72 -0.60
CA ILE A 28 -15.42 -8.86 -1.39
C ILE A 28 -13.92 -8.70 -1.63
N GLY A 29 -13.13 -9.61 -1.07
CA GLY A 29 -11.70 -9.60 -1.29
C GLY A 29 -11.28 -10.61 -2.35
N THR A 30 -10.12 -10.36 -2.96
CA THR A 30 -9.55 -11.33 -3.89
C THR A 30 -8.20 -11.78 -3.37
N VAL A 31 -8.01 -13.11 -3.31
CA VAL A 31 -6.78 -13.72 -2.85
C VAL A 31 -6.33 -14.74 -3.90
N ARG A 32 -5.09 -15.21 -3.73
CA ARG A 32 -4.45 -16.06 -4.73
C ARG A 32 -4.81 -17.53 -4.61
N SER A 33 -5.44 -17.96 -3.51
CA SER A 33 -5.71 -19.36 -3.29
C SER A 33 -6.92 -19.53 -2.38
N GLN A 34 -7.54 -20.71 -2.46
CA GLN A 34 -8.65 -21.02 -1.58
C GLN A 34 -8.20 -21.13 -0.13
N GLU A 35 -7.00 -21.65 0.10
CA GLU A 35 -6.46 -21.76 1.45
C GLU A 35 -6.29 -20.38 2.08
N LYS A 36 -5.80 -19.41 1.31
CA LYS A 36 -5.68 -18.04 1.80
C LYS A 36 -7.05 -17.48 2.16
N ALA A 37 -8.05 -17.72 1.32
CA ALA A 37 -9.39 -17.23 1.59
C ALA A 37 -9.93 -17.82 2.88
N ASP A 38 -9.80 -19.14 3.06
CA ASP A 38 -10.33 -19.77 4.26
C ASP A 38 -9.60 -19.28 5.51
N LYS A 39 -8.28 -19.09 5.40
CA LYS A 39 -7.51 -18.52 6.51
C LYS A 39 -8.06 -17.15 6.91
N LEU A 40 -8.20 -16.24 5.93
CA LEU A 40 -8.71 -14.91 6.24
C LEU A 40 -10.13 -14.96 6.78
N ILE A 41 -10.96 -15.87 6.26
CA ILE A 41 -12.32 -16.02 6.77
C ILE A 41 -12.30 -16.38 8.23
N LYS A 42 -11.44 -17.32 8.60
CA LYS A 42 -11.32 -17.71 10.01
C LYS A 42 -10.82 -16.55 10.86
N GLN A 43 -9.82 -15.81 10.37
CA GLN A 43 -9.21 -14.77 11.18
C GLN A 43 -10.15 -13.60 11.44
N PHE A 44 -11.07 -13.31 10.52
CA PHE A 44 -12.07 -12.29 10.73
C PHE A 44 -13.32 -12.82 11.43
N ASN A 45 -13.24 -14.02 12.00
CA ASN A 45 -14.29 -14.59 12.86
C ASN A 45 -15.61 -14.76 12.09
N ASN A 46 -15.50 -15.32 10.89
CA ASN A 46 -16.67 -15.74 10.11
C ASN A 46 -17.70 -14.62 9.94
N ASN A 47 -17.20 -13.42 9.65
CA ASN A 47 -18.05 -12.26 9.44
C ASN A 47 -18.93 -12.48 8.20
N PRO A 48 -20.25 -12.44 8.33
CA PRO A 48 -21.11 -12.67 7.15
C PRO A 48 -21.04 -11.55 6.13
N ASN A 49 -20.37 -10.45 6.44
CA ASN A 49 -20.24 -9.33 5.52
C ASN A 49 -18.98 -9.42 4.65
N LEU A 50 -18.22 -10.52 4.75
CA LEU A 50 -16.97 -10.67 4.02
C LEU A 50 -16.98 -11.97 3.22
N SER A 51 -16.62 -11.88 1.94
CA SER A 51 -16.47 -13.05 1.08
C SER A 51 -15.23 -12.84 0.21
N PHE A 52 -14.89 -13.87 -0.55
CA PHE A 52 -13.65 -13.87 -1.29
C PHE A 52 -13.85 -14.53 -2.64
N GLU A 53 -13.12 -14.03 -3.63
CA GLU A 53 -12.98 -14.67 -4.92
C GLU A 53 -11.51 -15.01 -5.13
N ILE A 54 -11.25 -16.07 -5.87
CA ILE A 54 -9.90 -16.55 -6.11
C ILE A 54 -9.40 -15.98 -7.43
N VAL A 55 -8.31 -15.23 -7.37
CA VAL A 55 -7.65 -14.69 -8.55
C VAL A 55 -6.17 -15.02 -8.41
N PRO A 56 -5.67 -16.07 -9.08
CA PRO A 56 -4.30 -16.53 -8.79
C PRO A 56 -3.21 -15.65 -9.36
N ASP A 57 -3.40 -15.13 -10.57
CA ASP A 57 -2.30 -14.50 -11.32
C ASP A 57 -2.83 -13.21 -11.95
N ILE A 58 -2.47 -12.07 -11.36
CA ILE A 58 -2.97 -10.79 -11.87
C ILE A 58 -2.04 -10.27 -12.96
N ALA A 59 -1.10 -11.11 -13.41
CA ALA A 59 -0.41 -10.85 -14.66
C ALA A 59 -1.29 -11.15 -15.87
N ASN A 60 -2.29 -12.02 -15.70
CA ASN A 60 -3.31 -12.21 -16.72
C ASN A 60 -4.23 -10.99 -16.76
N LEU A 61 -4.42 -10.43 -17.95
CA LEU A 61 -5.30 -9.26 -18.08
C LEU A 61 -6.75 -9.62 -17.81
N ASP A 62 -7.13 -10.88 -18.02
CA ASP A 62 -8.50 -11.34 -17.78
C ASP A 62 -8.73 -11.81 -16.35
N ALA A 63 -7.82 -11.48 -15.43
CA ALA A 63 -7.83 -12.07 -14.10
C ALA A 63 -9.13 -11.78 -13.36
N PHE A 64 -9.64 -10.56 -13.47
CA PHE A 64 -10.77 -10.12 -12.67
C PHE A 64 -12.10 -10.22 -13.42
N ASP A 65 -12.14 -10.95 -14.53
CA ASP A 65 -13.36 -11.01 -15.33
C ASP A 65 -14.48 -11.73 -14.59
N GLU A 66 -14.17 -12.90 -14.01
CA GLU A 66 -15.20 -13.65 -13.29
C GLU A 66 -15.74 -12.86 -12.10
N VAL A 67 -14.86 -12.10 -11.43
CA VAL A 67 -15.27 -11.32 -10.26
C VAL A 67 -16.39 -10.36 -10.64
N PHE A 68 -16.22 -9.65 -11.76
CA PHE A 68 -17.20 -8.66 -12.17
C PHE A 68 -18.36 -9.25 -12.97
N LYS A 69 -18.18 -10.43 -13.56
CA LYS A 69 -19.32 -11.17 -14.10
C LYS A 69 -20.27 -11.58 -12.98
N LYS A 70 -19.71 -12.03 -11.85
CA LYS A 70 -20.54 -12.48 -10.74
C LYS A 70 -21.11 -11.31 -9.95
N HIS A 71 -20.27 -10.34 -9.57
CA HIS A 71 -20.64 -9.32 -8.60
C HIS A 71 -20.66 -7.91 -9.20
N GLY A 72 -20.69 -7.78 -10.52
CA GLY A 72 -20.66 -6.46 -11.13
C GLY A 72 -21.85 -5.59 -10.75
N LYS A 73 -22.97 -6.22 -10.40
CA LYS A 73 -24.15 -5.46 -10.00
C LYS A 73 -24.06 -4.94 -8.58
N GLU A 74 -23.17 -5.48 -7.75
CA GLU A 74 -23.10 -5.11 -6.35
C GLU A 74 -21.84 -4.32 -5.98
N ILE A 75 -20.82 -4.31 -6.84
CA ILE A 75 -19.55 -3.66 -6.51
C ILE A 75 -19.67 -2.18 -6.89
N LYS A 76 -19.66 -1.32 -5.89
CA LYS A 76 -19.74 0.13 -6.06
C LYS A 76 -18.38 0.82 -5.97
N TYR A 77 -17.46 0.24 -5.19
CA TYR A 77 -16.13 0.80 -4.99
C TYR A 77 -15.10 -0.32 -5.14
N VAL A 78 -13.97 0.02 -5.76
CA VAL A 78 -12.90 -0.95 -6.02
C VAL A 78 -11.61 -0.39 -5.44
N ILE A 79 -10.97 -1.17 -4.57
CA ILE A 79 -9.69 -0.81 -3.98
C ILE A 79 -8.67 -1.83 -4.49
N HIS A 80 -7.84 -1.41 -5.45
CA HIS A 80 -6.88 -2.29 -6.11
C HIS A 80 -5.53 -2.14 -5.43
N THR A 81 -5.17 -3.12 -4.59
CA THR A 81 -3.87 -3.12 -3.92
C THR A 81 -2.91 -4.16 -4.48
N ALA A 82 -3.41 -5.20 -5.13
CA ALA A 82 -2.55 -6.29 -5.59
C ALA A 82 -1.60 -5.82 -6.69
N SER A 83 -0.44 -6.47 -6.75
CA SER A 83 0.55 -6.25 -7.78
C SER A 83 1.27 -7.58 -8.01
N PRO A 84 1.74 -7.84 -9.25
CA PRO A 84 2.41 -9.11 -9.55
C PRO A 84 3.71 -9.31 -8.76
N ASP A 91 15.75 -9.72 -18.93
CA ASP A 91 14.53 -9.31 -19.61
C ASP A 91 13.58 -8.60 -18.64
N TYR A 92 13.94 -7.37 -18.27
CA TYR A 92 13.11 -6.61 -17.35
C TYR A 92 11.80 -6.18 -17.99
N GLU A 93 11.77 -6.05 -19.32
CA GLU A 93 10.55 -5.66 -20.00
C GLU A 93 9.52 -6.78 -20.01
N LYS A 94 9.97 -8.02 -20.12
CA LYS A 94 9.06 -9.16 -20.23
C LYS A 94 8.69 -9.79 -18.90
N ASP A 95 9.37 -9.43 -17.81
CA ASP A 95 9.13 -10.07 -16.52
C ASP A 95 8.72 -9.12 -15.41
N LEU A 96 8.89 -7.80 -15.58
CA LEU A 96 8.52 -6.85 -14.54
C LEU A 96 7.66 -5.73 -15.09
N LEU A 97 8.09 -5.13 -16.21
CA LEU A 97 7.44 -3.92 -16.72
C LEU A 97 6.06 -4.23 -17.28
N ILE A 98 6.01 -5.07 -18.32
CA ILE A 98 4.72 -5.44 -18.90
C ILE A 98 3.81 -6.11 -17.88
N PRO A 99 4.29 -7.01 -17.02
CA PRO A 99 3.39 -7.53 -15.95
C PRO A 99 2.80 -6.45 -15.07
N ALA A 100 3.57 -5.41 -14.74
CA ALA A 100 3.03 -4.34 -13.89
C ALA A 100 1.97 -3.53 -14.62
N VAL A 101 2.27 -3.12 -15.85
CA VAL A 101 1.27 -2.40 -16.64
C VAL A 101 -0.01 -3.23 -16.76
N ASN A 102 0.15 -4.55 -16.94
CA ASN A 102 -1.03 -5.42 -17.07
C ASN A 102 -1.77 -5.54 -15.74
N GLY A 103 -1.04 -5.63 -14.63
CA GLY A 103 -1.67 -5.67 -13.33
C GLY A 103 -2.49 -4.44 -13.05
N THR A 104 -2.12 -3.31 -13.67
CA THR A 104 -3.00 -2.14 -13.56
C THR A 104 -4.17 -2.23 -14.55
N LYS A 105 -3.89 -2.54 -15.81
CA LYS A 105 -4.91 -2.40 -16.85
C LYS A 105 -5.98 -3.49 -16.81
N GLY A 106 -5.69 -4.66 -16.24
CA GLY A 106 -6.61 -5.78 -16.37
C GLY A 106 -7.91 -5.57 -15.61
N ILE A 107 -7.82 -5.16 -14.34
CA ILE A 107 -9.03 -4.94 -13.56
C ILE A 107 -9.84 -3.79 -14.14
N LEU A 108 -9.16 -2.78 -14.71
CA LEU A 108 -9.89 -1.67 -15.32
C LEU A 108 -10.61 -2.10 -16.59
N GLU A 109 -9.98 -2.99 -17.37
CA GLU A 109 -10.68 -3.55 -18.53
C GLU A 109 -11.87 -4.40 -18.09
N SER A 110 -11.74 -5.14 -16.99
CA SER A 110 -12.87 -5.91 -16.48
C SER A 110 -14.01 -4.99 -16.05
N ILE A 111 -13.68 -3.89 -15.38
CA ILE A 111 -14.71 -2.91 -15.00
C ILE A 111 -15.40 -2.37 -16.23
N LYS A 112 -14.61 -1.98 -17.24
CA LYS A 112 -15.17 -1.43 -18.47
C LYS A 112 -16.05 -2.45 -19.18
N LYS A 113 -15.72 -3.74 -19.07
CA LYS A 113 -16.52 -4.78 -19.72
C LYS A 113 -17.82 -5.03 -18.98
N TYR A 114 -17.74 -5.37 -17.70
CA TYR A 114 -18.85 -6.01 -16.99
C TYR A 114 -19.57 -5.12 -15.99
N ALA A 115 -19.00 -3.99 -15.60
CA ALA A 115 -19.69 -3.09 -14.69
C ALA A 115 -19.34 -1.63 -14.97
N PRO A 116 -19.52 -1.13 -16.20
CA PRO A 116 -19.07 0.24 -16.51
C PRO A 116 -19.87 1.33 -15.82
N ASP A 117 -21.12 1.07 -15.43
CA ASP A 117 -21.95 2.09 -14.80
C ASP A 117 -22.21 1.85 -13.32
N THR A 118 -21.69 0.76 -12.76
CA THR A 118 -21.85 0.48 -11.34
C THR A 118 -20.67 0.96 -10.49
N VAL A 119 -19.44 0.77 -10.97
CA VAL A 119 -18.26 1.20 -10.22
C VAL A 119 -18.17 2.72 -10.27
N GLU A 120 -18.17 3.35 -9.10
CA GLU A 120 -18.12 4.81 -9.00
C GLU A 120 -16.74 5.33 -8.61
N ARG A 121 -15.96 4.56 -7.86
CA ARG A 121 -14.64 5.00 -7.41
C ARG A 121 -13.67 3.83 -7.52
N VAL A 122 -12.48 4.11 -8.05
CA VAL A 122 -11.37 3.16 -8.09
C VAL A 122 -10.21 3.78 -7.34
N VAL A 123 -9.70 3.05 -6.34
CA VAL A 123 -8.55 3.46 -5.55
C VAL A 123 -7.43 2.47 -5.80
N ILE A 124 -6.30 2.97 -6.31
CA ILE A 124 -5.18 2.13 -6.73
C ILE A 124 -3.98 2.43 -5.83
N THR A 125 -3.45 1.38 -5.19
CA THR A 125 -2.24 1.52 -4.41
C THR A 125 -1.04 1.66 -5.35
N SER A 126 -0.46 2.85 -5.40
CA SER A 126 0.75 3.06 -6.19
C SER A 126 1.94 3.07 -5.25
N SER A 127 2.83 4.03 -5.40
CA SER A 127 4.01 4.06 -4.53
C SER A 127 4.72 5.39 -4.69
N PHE A 128 5.53 5.72 -3.68
CA PHE A 128 6.45 6.84 -3.78
C PHE A 128 7.49 6.64 -4.87
N ALA A 129 7.74 5.38 -5.26
CA ALA A 129 8.68 5.10 -6.35
C ALA A 129 8.21 5.70 -7.66
N ALA A 130 6.90 5.92 -7.81
CA ALA A 130 6.36 6.60 -8.98
C ALA A 130 6.45 8.11 -8.89
N ILE A 131 6.95 8.64 -7.77
CA ILE A 131 7.05 10.07 -7.54
C ILE A 131 8.50 10.55 -7.53
N MET A 132 9.37 9.80 -6.87
CA MET A 132 10.76 10.20 -6.69
C MET A 132 11.53 10.12 -7.99
N ASP A 133 12.64 10.85 -8.04
CA ASP A 133 13.62 10.79 -9.12
C ASP A 133 14.91 10.25 -8.52
N LEU A 134 15.33 9.06 -8.96
CA LEU A 134 16.54 8.45 -8.41
C LEU A 134 17.77 9.30 -8.65
N ASN A 135 17.81 10.02 -9.77
CA ASN A 135 18.97 10.84 -10.13
C ASN A 135 18.97 12.21 -9.45
N LYS A 136 17.95 12.53 -8.66
CA LYS A 136 17.90 13.79 -7.92
C LYS A 136 17.95 13.57 -6.41
N GLN A 137 18.31 12.37 -5.96
CA GLN A 137 18.42 12.09 -4.53
C GLN A 137 19.52 12.92 -3.88
N ASP A 139 20.48 16.38 -4.60
CA ASP A 139 20.29 17.82 -4.57
C ASP A 139 19.42 18.22 -3.39
N SER A 140 19.84 19.26 -2.67
CA SER A 140 19.13 19.67 -1.46
C SER A 140 17.97 20.60 -1.74
N SER A 141 17.84 21.14 -2.94
CA SER A 141 16.76 22.06 -3.24
C SER A 141 15.55 21.39 -3.87
N VAL A 142 15.65 20.11 -4.26
CA VAL A 142 14.52 19.42 -4.87
C VAL A 142 13.62 18.85 -3.78
N ILE A 143 12.34 19.18 -3.85
CA ILE A 143 11.32 18.65 -2.95
C ILE A 143 10.28 17.94 -3.81
N PHE A 144 9.98 16.70 -3.46
CA PHE A 144 8.96 15.93 -4.17
C PHE A 144 7.60 16.16 -3.52
N THR A 145 6.63 16.55 -4.34
CA THR A 145 5.25 16.70 -3.90
C THR A 145 4.37 15.69 -4.63
N GLU A 146 3.06 15.83 -4.46
CA GLU A 146 2.13 14.88 -5.07
C GLU A 146 2.16 14.96 -6.60
N LYS A 147 2.54 16.11 -7.15
CA LYS A 147 2.58 16.27 -8.60
C LYS A 147 3.89 15.83 -9.22
N SER A 148 4.90 15.50 -8.42
CA SER A 148 6.15 14.99 -8.96
C SER A 148 5.97 13.59 -9.51
N TRP A 149 6.54 13.32 -10.68
CA TRP A 149 6.50 12.02 -11.32
C TRP A 149 7.92 11.52 -11.55
N ASN A 150 8.11 10.21 -11.41
CA ASN A 150 9.38 9.59 -11.75
C ASN A 150 9.61 9.73 -13.25
N PRO A 151 10.66 10.41 -13.70
CA PRO A 151 10.80 10.71 -15.12
C PRO A 151 11.43 9.60 -15.95
N VAL A 152 11.72 8.44 -15.35
CA VAL A 152 12.42 7.39 -16.08
C VAL A 152 11.60 6.95 -17.29
N THR A 153 12.29 6.76 -18.41
CA THR A 153 11.63 6.33 -19.63
C THR A 153 11.53 4.81 -19.68
N TRP A 154 10.72 4.32 -20.62
CA TRP A 154 10.56 2.87 -20.79
C TRP A 154 11.90 2.20 -21.08
N GLU A 155 12.70 2.80 -21.94
CA GLU A 155 13.98 2.21 -22.29
C GLU A 155 14.94 2.23 -21.10
N ASN A 156 14.88 3.28 -20.28
CA ASN A 156 15.76 3.39 -19.14
C ASN A 156 15.30 2.59 -17.93
N ALA A 157 14.07 2.07 -17.95
CA ALA A 157 13.53 1.30 -16.84
C ALA A 157 13.89 -0.17 -16.91
N GLN A 158 14.81 -0.55 -17.81
CA GLN A 158 15.15 -1.96 -18.03
C GLN A 158 16.55 -2.30 -17.53
N ASN A 159 17.04 -1.57 -16.54
CA ASN A 159 18.28 -1.89 -15.85
C ASN A 159 17.99 -2.15 -14.38
N ALA A 160 18.90 -2.85 -13.71
CA ALA A 160 18.66 -3.37 -12.38
C ALA A 160 18.46 -2.28 -11.32
N ILE A 161 18.75 -1.03 -11.63
CA ILE A 161 18.47 0.06 -10.69
C ILE A 161 17.10 0.67 -10.93
N THR A 162 16.75 0.87 -12.20
CA THR A 162 15.53 1.58 -12.58
C THR A 162 14.36 0.64 -12.85
N ALA A 163 14.51 -0.67 -12.62
CA ALA A 163 13.48 -1.62 -13.02
C ALA A 163 12.25 -1.53 -12.12
N TYR A 164 12.44 -1.61 -10.80
CA TYR A 164 11.31 -1.67 -9.90
C TYR A 164 10.53 -0.35 -9.87
N CYS A 165 11.24 0.75 -9.64
CA CYS A 165 10.59 2.06 -9.64
C CYS A 165 9.96 2.35 -10.99
N GLY A 166 10.63 1.96 -12.08
CA GLY A 166 10.04 2.15 -13.40
C GLY A 166 8.75 1.38 -13.59
N SER A 167 8.72 0.12 -13.15
CA SER A 167 7.51 -0.68 -13.30
C SER A 167 6.37 -0.09 -12.49
N LYS A 168 6.66 0.37 -11.27
CA LYS A 168 5.63 1.02 -10.45
C LYS A 168 5.11 2.29 -11.12
N THR A 169 6.04 3.09 -11.67
CA THR A 169 5.67 4.33 -12.33
C THR A 169 4.75 4.08 -13.52
N PHE A 170 5.16 3.16 -14.40
CA PHE A 170 4.35 2.89 -15.59
C PHE A 170 3.04 2.20 -15.22
N ALA A 171 3.01 1.43 -14.12
CA ALA A 171 1.76 0.86 -13.66
C ALA A 171 0.76 1.95 -13.27
N GLU A 172 1.24 3.02 -12.62
CA GLU A 172 0.31 4.10 -12.29
C GLU A 172 -0.09 4.91 -13.53
N LYS A 173 0.89 5.20 -14.40
CA LYS A 173 0.61 5.91 -15.65
C LYS A 173 -0.45 5.17 -16.45
N ALA A 174 -0.43 3.83 -16.43
CA ALA A 174 -1.41 3.06 -17.19
C ALA A 174 -2.82 3.31 -16.69
N ALA A 175 -3.00 3.45 -15.38
CA ALA A 175 -4.32 3.74 -14.83
C ALA A 175 -4.79 5.12 -15.27
N TRP A 176 -3.92 6.12 -15.15
CA TRP A 176 -4.35 7.46 -15.56
C TRP A 176 -4.64 7.51 -17.06
N ASP A 177 -3.85 6.79 -17.87
CA ASP A 177 -4.10 6.78 -19.31
C ASP A 177 -5.39 6.06 -19.67
N PHE A 178 -5.69 4.97 -18.96
CA PHE A 178 -6.96 4.28 -19.15
C PHE A 178 -8.12 5.24 -18.90
N LEU A 179 -8.08 5.96 -17.77
CA LEU A 179 -9.14 6.92 -17.50
C LEU A 179 -9.20 8.01 -18.56
N LYS A 180 -8.04 8.41 -19.08
CA LYS A 180 -8.02 9.44 -20.13
C LYS A 180 -8.74 8.96 -21.39
N GLU A 181 -8.44 7.73 -21.82
CA GLU A 181 -8.95 7.21 -23.08
C GLU A 181 -10.29 6.50 -22.94
N ASN A 182 -10.88 6.44 -21.75
CA ASN A 182 -12.14 5.73 -21.57
C ASN A 182 -13.15 6.58 -20.82
N LYS A 183 -13.21 7.87 -21.11
CA LYS A 183 -14.08 8.77 -20.35
C LYS A 183 -15.55 8.43 -20.58
N ASP A 184 -15.92 8.05 -21.80
CA ASP A 184 -17.31 7.76 -22.13
C ASP A 184 -17.61 6.27 -22.13
N SER A 185 -16.72 5.44 -21.58
CA SER A 185 -16.98 4.03 -21.41
C SER A 185 -17.13 3.61 -19.95
N VAL A 186 -16.59 4.37 -19.01
CA VAL A 186 -16.72 4.05 -17.60
C VAL A 186 -17.12 5.29 -16.83
N LYS A 187 -17.77 5.07 -15.69
CA LYS A 187 -18.22 6.14 -14.81
C LYS A 187 -17.23 6.46 -13.69
N PHE A 188 -16.34 5.54 -13.36
CA PHE A 188 -15.60 5.64 -12.11
C PHE A 188 -14.61 6.79 -12.12
N LYS A 189 -14.28 7.27 -10.93
CA LYS A 189 -13.23 8.24 -10.72
C LYS A 189 -12.06 7.56 -10.01
N LEU A 190 -10.86 8.08 -10.24
CA LEU A 190 -9.62 7.44 -9.84
C LEU A 190 -8.91 8.24 -8.76
N THR A 191 -8.37 7.54 -7.78
CA THR A 191 -7.49 8.10 -6.76
C THR A 191 -6.39 7.08 -6.50
N THR A 192 -5.14 7.55 -6.40
CA THR A 192 -4.02 6.67 -6.12
C THR A 192 -3.44 6.96 -4.75
N ILE A 193 -2.92 5.91 -4.11
CA ILE A 193 -2.24 5.99 -2.82
C ILE A 193 -0.77 5.69 -3.06
N ASN A 194 0.12 6.60 -2.67
CA ASN A 194 1.55 6.47 -2.93
C ASN A 194 2.30 6.47 -1.60
N PRO A 195 2.52 5.30 -0.99
CA PRO A 195 3.20 5.26 0.31
C PRO A 195 4.71 5.11 0.18
N VAL A 196 5.39 5.49 1.26
CA VAL A 196 6.84 5.33 1.36
C VAL A 196 7.12 3.98 2.03
N PHE A 197 8.14 3.94 2.90
CA PHE A 197 8.34 2.75 3.72
C PHE A 197 7.17 2.59 4.68
N VAL A 198 6.51 1.44 4.65
CA VAL A 198 5.31 1.20 5.42
C VAL A 198 5.68 0.36 6.65
N PHE A 199 5.54 0.95 7.83
CA PHE A 199 5.76 0.27 9.10
C PHE A 199 4.42 0.02 9.79
N GLY A 200 4.48 -0.68 10.93
CA GLY A 200 3.29 -0.94 11.71
C GLY A 200 3.11 -2.41 12.02
N PRO A 201 2.10 -2.73 12.83
CA PRO A 201 1.83 -4.13 13.18
C PRO A 201 0.96 -4.82 12.15
N GLN A 202 1.14 -6.14 12.07
CA GLN A 202 0.23 -6.97 11.31
C GLN A 202 -1.17 -6.92 11.95
N LEU A 203 -2.20 -7.06 11.12
CA LEU A 203 -3.55 -7.06 11.65
C LEU A 203 -3.78 -8.21 12.63
N PHE A 204 -3.14 -9.35 12.41
CA PHE A 204 -3.32 -10.54 13.22
C PHE A 204 -2.00 -10.93 13.85
N ASP A 205 -1.97 -11.04 15.18
CA ASP A 205 -0.75 -11.36 15.91
C ASP A 205 -0.10 -12.63 15.38
N GLU A 206 -0.92 -13.63 15.05
CA GLU A 206 -0.40 -14.95 14.69
C GLU A 206 0.51 -14.90 13.48
N ASP A 207 0.34 -13.93 12.60
CA ASP A 207 1.19 -13.79 11.42
C ASP A 207 2.48 -13.06 11.77
N ASN A 213 9.82 -9.91 6.27
CA ASN A 213 8.40 -10.08 5.99
C ASN A 213 7.89 -8.86 5.21
N THR A 214 7.92 -7.71 5.88
CA THR A 214 7.74 -6.43 5.21
C THR A 214 9.01 -5.61 5.39
N SER A 215 8.93 -4.29 5.17
CA SER A 215 10.08 -3.45 5.51
C SER A 215 10.24 -3.27 7.01
N CYS A 216 9.21 -3.63 7.79
CA CYS A 216 9.33 -3.71 9.24
C CYS A 216 10.48 -4.59 9.67
N GLU A 217 10.96 -5.47 8.79
CA GLU A 217 12.14 -6.27 9.06
C GLU A 217 13.30 -5.40 9.55
N ILE A 218 13.42 -4.18 9.01
CA ILE A 218 14.43 -3.25 9.51
C ILE A 218 14.35 -3.14 11.03
N ILE A 219 13.18 -2.77 11.54
CA ILE A 219 12.97 -2.73 12.99
C ILE A 219 13.35 -4.08 13.61
N ASN A 220 12.83 -5.17 13.03
CA ASN A 220 13.11 -6.50 13.56
C ASN A 220 14.60 -6.79 13.57
N GLU A 221 15.35 -6.18 12.67
CA GLU A 221 16.80 -6.39 12.63
C GLU A 221 17.48 -5.69 13.80
N LEU A 222 17.01 -4.49 14.15
CA LEU A 222 17.66 -3.74 15.22
C LEU A 222 17.17 -4.18 16.59
N LEU A 223 15.94 -4.70 16.68
CA LEU A 223 15.46 -5.25 17.94
C LEU A 223 16.33 -6.42 18.40
N HIS A 224 16.89 -7.18 17.45
CA HIS A 224 17.67 -8.38 17.76
C HIS A 224 19.17 -8.17 17.57
N ALA A 225 19.61 -6.94 17.33
CA ALA A 225 21.02 -6.71 17.03
C ALA A 225 21.84 -6.67 18.32
N PRO A 226 23.03 -7.27 18.31
CA PRO A 226 23.90 -7.22 19.50
C PRO A 226 24.34 -5.79 19.77
N PRO A 227 24.71 -5.48 21.02
CA PRO A 227 25.00 -4.08 21.39
C PRO A 227 26.15 -3.46 20.64
N ASP A 228 27.06 -4.25 20.07
CA ASP A 228 28.22 -3.71 19.36
C ASP A 228 27.93 -3.38 17.90
N THR A 229 26.70 -3.61 17.43
CA THR A 229 26.38 -3.40 16.03
C THR A 229 26.42 -1.91 15.69
N LYS A 230 27.13 -1.58 14.61
CA LYS A 230 27.22 -0.19 14.18
C LYS A 230 25.90 0.28 13.59
N VAL A 231 25.52 1.51 13.91
CA VAL A 231 24.23 2.05 13.48
C VAL A 231 24.44 3.23 12.54
N CYS A 237 19.96 8.85 7.37
CA CYS A 237 18.56 8.89 6.95
C CYS A 237 18.23 7.74 5.99
N ALA A 238 17.54 6.73 6.52
CA ALA A 238 17.18 5.55 5.75
C ALA A 238 15.93 5.73 4.90
N GLY A 239 15.34 6.93 4.89
CA GLY A 239 14.17 7.17 4.07
C GLY A 239 13.01 7.79 4.84
N ASN A 240 11.79 7.55 4.36
CA ASN A 240 10.59 8.10 4.97
C ASN A 240 9.64 6.98 5.35
N PHE A 241 8.78 7.26 6.33
CA PHE A 241 7.95 6.22 6.94
C PHE A 241 6.48 6.63 6.89
N ILE A 242 5.63 5.61 6.94
CA ILE A 242 4.18 5.77 7.09
C ILE A 242 3.63 4.53 7.78
N ASP A 243 2.72 4.73 8.72
CA ASP A 243 2.09 3.61 9.41
C ASP A 243 1.08 2.93 8.51
N VAL A 244 1.06 1.59 8.54
CA VAL A 244 0.19 0.80 7.67
C VAL A 244 -1.28 1.13 7.91
N ARG A 245 -1.64 1.44 9.16
CA ARG A 245 -3.02 1.80 9.44
C ARG A 245 -3.39 3.13 8.80
N ASP A 246 -2.44 4.06 8.72
CA ASP A 246 -2.70 5.31 8.02
C ASP A 246 -2.94 5.07 6.54
N VAL A 247 -2.13 4.19 5.93
CA VAL A 247 -2.31 3.87 4.52
C VAL A 247 -3.69 3.25 4.28
N ALA A 248 -4.07 2.31 5.16
CA ALA A 248 -5.38 1.67 5.06
C ALA A 248 -6.52 2.68 5.19
N LYS A 249 -6.41 3.61 6.15
CA LYS A 249 -7.46 4.59 6.37
C LYS A 249 -7.60 5.54 5.18
N ALA A 250 -6.47 5.98 4.63
CA ALA A 250 -6.50 6.80 3.43
C ALA A 250 -7.12 6.08 2.26
N HIS A 251 -6.91 4.75 2.16
CA HIS A 251 -7.49 4.01 1.05
C HIS A 251 -9.01 4.11 1.04
N VAL A 252 -9.63 4.13 2.22
CA VAL A 252 -11.09 4.17 2.31
C VAL A 252 -11.60 5.60 2.16
N LEU A 253 -10.93 6.56 2.79
CA LEU A 253 -11.30 7.96 2.55
C LEU A 253 -11.17 8.33 1.07
N ALA A 254 -10.29 7.64 0.33
CA ALA A 254 -10.10 7.94 -1.08
C ALA A 254 -11.37 7.70 -1.89
N PHE A 255 -12.18 6.71 -1.52
CA PHE A 255 -13.45 6.51 -2.22
C PHE A 255 -14.63 7.15 -1.48
N GLN A 256 -14.44 7.60 -0.25
CA GLN A 256 -15.59 8.25 0.41
C GLN A 256 -15.68 9.75 0.14
N LYS A 257 -14.56 10.47 0.09
CA LYS A 257 -14.58 11.93 0.07
C LYS A 257 -14.39 12.46 -1.34
N ASP A 258 -15.21 13.45 -1.72
CA ASP A 258 -15.20 13.96 -3.08
C ASP A 258 -14.03 14.87 -3.38
N GLU A 259 -13.43 15.49 -2.35
CA GLU A 259 -12.23 16.30 -2.61
C GLU A 259 -11.00 15.45 -2.90
N LEU A 260 -11.08 14.13 -2.69
CA LEU A 260 -10.01 13.21 -3.05
C LEU A 260 -10.16 12.63 -4.45
N ILE A 261 -11.18 13.08 -5.19
CA ILE A 261 -11.37 12.66 -6.58
C ILE A 261 -10.21 13.15 -7.44
N GLY A 262 -9.60 12.23 -8.18
CA GLY A 262 -8.54 12.58 -9.11
C GLY A 262 -7.23 12.94 -8.48
N LYS A 263 -7.02 12.63 -7.21
CA LYS A 263 -5.83 13.04 -6.46
C LYS A 263 -4.83 11.90 -6.34
N ARG A 264 -3.55 12.26 -6.29
CA ARG A 264 -2.48 11.35 -5.90
C ARG A 264 -2.13 11.67 -4.45
N LEU A 265 -2.45 10.75 -3.54
CA LEU A 265 -2.26 11.01 -2.11
C LEU A 265 -0.94 10.41 -1.66
N LEU A 266 0.03 11.27 -1.36
CA LEU A 266 1.37 10.88 -0.95
C LEU A 266 1.35 10.59 0.54
N LEU A 267 1.51 9.31 0.89
CA LEU A 267 1.39 8.89 2.28
C LEU A 267 2.78 8.75 2.89
N SER A 268 3.16 9.75 3.68
CA SER A 268 4.44 9.83 4.35
C SER A 268 4.29 10.72 5.57
N ASN A 269 5.11 10.47 6.58
CA ASN A 269 5.11 11.31 7.77
C ASN A 269 6.53 11.70 8.18
N GLY A 270 7.45 11.76 7.22
CA GLY A 270 8.75 12.33 7.46
C GLY A 270 9.90 11.35 7.44
N PRO A 271 11.12 11.88 7.54
CA PRO A 271 12.31 11.03 7.50
C PRO A 271 12.51 10.26 8.79
N PHE A 272 13.30 9.20 8.69
CA PHE A 272 13.68 8.40 9.84
C PHE A 272 15.09 7.86 9.65
N SER A 273 15.76 7.62 10.77
CA SER A 273 17.05 6.95 10.79
C SER A 273 16.93 5.68 11.62
N LYS A 274 17.95 4.82 11.51
CA LYS A 274 17.98 3.62 12.32
C LYS A 274 18.27 3.95 13.79
N GLN A 275 19.01 5.02 14.04
CA GLN A 275 19.24 5.44 15.42
C GLN A 275 17.94 5.88 16.09
N ASP A 276 16.99 6.44 15.33
CA ASP A 276 15.68 6.73 15.90
C ASP A 276 15.01 5.45 16.40
N ILE A 277 15.09 4.38 15.60
CA ILE A 277 14.54 3.09 16.00
C ILE A 277 15.23 2.60 17.27
N VAL A 278 16.55 2.73 17.32
CA VAL A 278 17.30 2.29 18.50
C VAL A 278 16.88 3.08 19.74
N ASN A 279 16.68 4.40 19.57
CA ASN A 279 16.30 5.24 20.70
C ASN A 279 14.91 4.88 21.22
N ILE A 280 13.95 4.68 20.31
CA ILE A 280 12.62 4.23 20.73
C ILE A 280 12.73 2.91 21.47
N LEU A 281 13.49 1.96 20.90
CA LEU A 281 13.64 0.65 21.52
C LEU A 281 14.21 0.78 22.94
N ASN A 282 15.17 1.68 23.12
CA ASN A 282 15.84 1.79 24.41
C ASN A 282 14.95 2.46 25.45
N LYS A 283 14.22 3.51 25.07
CA LYS A 283 13.49 4.24 26.09
C LYS A 283 12.09 3.69 26.34
N ASP A 284 11.45 3.09 25.34
CA ASP A 284 10.07 2.63 25.51
C ASP A 284 9.95 1.17 25.88
N PHE A 285 10.99 0.36 25.66
CA PHE A 285 11.03 -1.04 26.07
C PHE A 285 12.24 -1.24 26.97
N PRO A 286 12.12 -0.91 28.26
CA PRO A 286 13.30 -0.90 29.13
C PRO A 286 13.98 -2.26 29.26
N GLN A 287 13.29 -3.35 28.94
CA GLN A 287 13.90 -4.68 29.03
C GLN A 287 15.07 -4.86 28.05
N LEU A 288 15.13 -4.04 27.00
CA LEU A 288 16.14 -4.20 25.97
C LEU A 288 17.40 -3.37 26.20
N LYS A 289 17.35 -2.37 27.07
CA LYS A 289 18.51 -1.52 27.31
C LYS A 289 19.67 -2.36 27.84
N GLY A 290 20.81 -2.29 27.15
CA GLY A 290 21.97 -3.09 27.47
C GLY A 290 22.11 -4.34 26.63
N LYS A 291 21.01 -4.84 26.07
CA LYS A 291 21.04 -6.00 25.19
C LYS A 291 20.98 -5.63 23.72
N ILE A 292 20.80 -4.35 23.40
CA ILE A 292 20.71 -3.88 22.01
C ILE A 292 21.64 -2.68 21.87
N PRO A 293 21.90 -2.19 20.66
CA PRO A 293 22.75 -0.99 20.51
C PRO A 293 22.24 0.17 21.37
N PRO A 294 23.14 1.05 21.80
CA PRO A 294 22.77 2.05 22.81
C PRO A 294 22.03 3.24 22.21
N ALA A 295 21.36 3.97 23.10
CA ALA A 295 20.60 5.16 22.73
C ALA A 295 21.54 6.35 22.49
N ASP A 296 20.96 7.42 21.96
CA ASP A 296 21.71 8.63 21.64
C ASP A 296 20.77 9.82 21.50
N PRO A 297 20.75 10.75 22.46
CA PRO A 297 19.95 11.97 22.41
C PRO A 297 20.27 12.83 21.18
N CYS A 309 17.01 14.77 -0.81
CA CYS A 309 15.70 14.18 -1.01
C CYS A 309 14.75 14.49 0.15
N LYS A 310 13.85 15.45 -0.07
CA LYS A 310 12.83 15.79 0.91
C LYS A 310 11.45 15.70 0.27
N ILE A 311 10.45 15.46 1.11
CA ILE A 311 9.07 15.32 0.68
C ILE A 311 8.25 16.47 1.25
N ASP A 312 7.41 17.06 0.41
CA ASP A 312 6.38 18.01 0.85
C ASP A 312 5.03 17.40 0.49
N ASN A 313 4.36 16.84 1.49
CA ASN A 313 3.04 16.23 1.31
C ASN A 313 2.01 16.87 2.23
N GLU A 314 2.23 18.14 2.60
CA GLU A 314 1.25 18.86 3.40
C GLU A 314 -0.11 18.91 2.72
N LYS A 315 -0.13 18.94 1.37
CA LYS A 315 -1.39 18.91 0.66
C LYS A 315 -2.14 17.61 0.93
N THR A 316 -1.44 16.48 0.89
CA THR A 316 -2.09 15.20 1.21
C THR A 316 -2.64 15.21 2.63
N LYS A 317 -1.88 15.76 3.58
CA LYS A 317 -2.34 15.82 4.96
C LYS A 317 -3.61 16.66 5.09
N LYS A 318 -3.61 17.85 4.47
CA LYS A 318 -4.79 18.70 4.52
C LYS A 318 -5.99 18.02 3.88
N LEU A 319 -5.80 17.40 2.72
CA LEU A 319 -6.90 16.74 2.03
C LEU A 319 -7.43 15.57 2.83
N LEU A 320 -6.54 14.84 3.51
CA LEU A 320 -6.97 13.69 4.31
C LEU A 320 -7.62 14.12 5.62
N GLY A 321 -7.15 15.22 6.22
CA GLY A 321 -7.82 15.82 7.35
C GLY A 321 -7.67 15.11 8.68
N PHE A 322 -6.76 14.14 8.81
CA PHE A 322 -6.50 13.51 10.09
C PHE A 322 -4.99 13.46 10.34
N GLU A 323 -4.64 13.21 11.60
CA GLU A 323 -3.25 13.29 12.04
C GLU A 323 -2.60 11.92 11.93
N PHE A 324 -1.51 11.84 11.15
CA PHE A 324 -0.79 10.59 10.99
C PHE A 324 -0.20 10.12 12.31
N LYS A 325 0.06 8.82 12.40
CA LYS A 325 0.79 8.27 13.53
C LYS A 325 2.26 8.67 13.43
N SER A 326 2.84 9.04 14.58
CA SER A 326 4.25 9.41 14.62
C SER A 326 5.14 8.18 14.49
N PHE A 327 6.43 8.44 14.26
CA PHE A 327 7.39 7.34 14.14
C PHE A 327 7.44 6.53 15.43
N GLU A 328 7.44 7.21 16.58
CA GLU A 328 7.46 6.52 17.87
C GLU A 328 6.28 5.55 17.98
N GLU A 329 5.09 5.98 17.58
CA GLU A 329 3.90 5.14 17.71
C GLU A 329 4.01 3.89 16.84
N THR A 330 4.34 4.06 15.56
CA THR A 330 4.41 2.92 14.65
C THR A 330 5.50 1.94 15.08
N VAL A 331 6.67 2.46 15.47
CA VAL A 331 7.75 1.59 15.94
C VAL A 331 7.32 0.86 17.21
N TYR A 332 6.67 1.57 18.14
CA TYR A 332 6.27 0.94 19.38
C TYR A 332 5.28 -0.19 19.13
N ASP A 333 4.29 0.03 18.25
CA ASP A 333 3.32 -1.02 17.99
C ASP A 333 3.96 -2.21 17.30
N THR A 334 4.84 -1.96 16.32
CA THR A 334 5.57 -3.04 15.68
C THR A 334 6.33 -3.88 16.71
N VAL A 335 7.12 -3.21 17.56
CA VAL A 335 7.98 -3.92 18.51
C VAL A 335 7.14 -4.61 19.58
N HIS A 336 6.09 -3.95 20.05
CA HIS A 336 5.21 -4.56 21.05
C HIS A 336 4.63 -5.86 20.52
N GLN A 337 4.17 -5.86 19.26
CA GLN A 337 3.62 -7.09 18.69
C GLN A 337 4.69 -8.17 18.55
N ILE A 338 5.89 -7.79 18.08
CA ILE A 338 6.97 -8.77 17.93
C ILE A 338 7.33 -9.38 19.28
N LEU A 339 7.49 -8.54 20.30
CA LEU A 339 7.84 -9.03 21.63
C LEU A 339 6.71 -9.83 22.26
N LYS A 340 5.45 -9.55 21.87
CA LYS A 340 4.34 -10.34 22.38
C LYS A 340 4.36 -11.74 21.77
N LYS A 341 4.72 -11.87 20.50
CA LYS A 341 4.85 -13.20 19.92
C LYS A 341 5.93 -14.00 20.64
N GLU A 342 7.03 -13.35 21.02
CA GLU A 342 8.16 -14.02 21.63
C GLU A 342 7.99 -14.27 23.13
N GLY A 343 6.83 -13.94 23.69
CA GLY A 343 6.64 -14.07 25.13
C GLY A 343 7.51 -13.14 25.95
N LYS A 344 7.70 -11.91 25.51
CA LYS A 344 8.53 -10.95 26.22
C LYS A 344 7.74 -9.69 26.57
C1 EDO B . -15.26 -16.84 0.39
O1 EDO B . -16.64 -16.82 0.80
C2 EDO B . -14.80 -18.27 0.13
O2 EDO B . -13.63 -18.24 -0.69
C1 EDO C . -20.46 -11.69 1.73
O1 EDO C . -21.49 -11.18 2.58
C2 EDO C . -19.48 -10.56 1.56
O2 EDO C . -19.11 -10.38 0.19
C1 EDO D . -14.49 -23.36 0.07
O1 EDO D . -15.85 -23.44 -0.39
C2 EDO D . -14.44 -23.78 1.53
O2 EDO D . -13.08 -24.12 1.86
C1 EDO E . -2.62 15.99 -6.58
O1 EDO E . -3.14 15.29 -5.44
C2 EDO E . -2.38 15.01 -7.72
O2 EDO E . -0.98 14.80 -7.89
C1 EDO F . -5.64 -21.06 -6.83
O1 EDO F . -4.23 -21.07 -6.65
C2 EDO F . -5.99 -21.65 -8.19
O2 EDO F . -7.39 -21.48 -8.44
C1 EDO G . 20.76 26.20 -7.59
O1 EDO G . 20.73 27.63 -7.68
C2 EDO G . 19.88 25.76 -6.43
O2 EDO G . 19.87 24.33 -6.32
C1 EDO H . 12.98 8.78 20.35
O1 EDO H . 13.38 8.04 21.50
C2 EDO H . 13.45 8.07 19.09
O2 EDO H . 13.45 8.94 17.96
#